data_2R5T
#
_entry.id   2R5T
#
_cell.length_a   97.873
_cell.length_b   97.873
_cell.length_c   147.848
_cell.angle_alpha   90.000
_cell.angle_beta   90.000
_cell.angle_gamma   120.000
#
_symmetry.space_group_name_H-M   'P 65 2 2'
#
loop_
_entity.id
_entity.type
_entity.pdbx_description
1 polymer 'Serine/threonine-protein kinase Sgk1'
2 non-polymer 'MAGNESIUM ION'
3 non-polymer 'SULFATE ION'
4 non-polymer 'PHOSPHOAMINOPHOSPHONIC ACID-ADENYLATE ESTER'
5 water water
#
_entity_poly.entity_id   1
_entity_poly.type   'polypeptide(L)'
_entity_poly.pdbx_seq_one_letter_code
;GISQPQEPELMNANPAPPPAPSQQINLGPSSNPHAKPSDFHFLKVIGKGSFGKVLLARHKAEEVFYAVKVLQKKAILKKK
EEKHIMSERNVLLKNVKHPFLVGLHFSFQTADKLYFVLDYINGGELFYHLQRERCFLEPRARFYAAEIASALGYLHSLNI
VYRDLKPENILLDSQGHIVLTDFGLCKENIEHNSTTSTFCGTPEYLAPEVLHKQPYDRTVDWWCLGAVLYEMLYGLPPFY
SRNTAEMYDNILNKPLQLKPNITNSARHLLEGLLQKDRTKRLGAKDDFMEIKSHVFFSLINWDDLINKKITPPFNPNVSG
PNDLRHFDPEFTEEPVPNAIGKAPDSVLVTASVKEAAEAFLGFSYAPPTDSFL
;
_entity_poly.pdbx_strand_id   A
#
# COMPACT_ATOMS: atom_id res chain seq x y z
N GLN A 24 0.08 -2.20 -29.82
CA GLN A 24 -1.25 -2.24 -29.15
C GLN A 24 -1.26 -3.17 -27.94
N ILE A 25 -1.50 -2.60 -26.77
CA ILE A 25 -1.46 -3.35 -25.50
C ILE A 25 -2.86 -3.66 -24.97
N ASN A 26 -3.07 -4.91 -24.59
CA ASN A 26 -4.31 -5.34 -23.96
C ASN A 26 -4.40 -4.81 -22.53
N LEU A 27 -5.31 -3.87 -22.30
CA LEU A 27 -5.49 -3.24 -20.98
C LEU A 27 -6.64 -3.84 -20.17
N GLY A 28 -7.38 -4.77 -20.77
CA GLY A 28 -8.48 -5.45 -20.08
C GLY A 28 -9.80 -4.69 -20.12
N PRO A 29 -10.76 -5.06 -19.24
CA PRO A 29 -12.13 -4.52 -19.28
C PRO A 29 -12.22 -3.01 -19.03
N SER A 30 -11.19 -2.41 -18.44
CA SER A 30 -11.18 -0.99 -18.13
C SER A 30 -10.90 -0.13 -19.38
N SER A 31 -10.41 -0.78 -20.43
CA SER A 31 -9.97 -0.09 -21.64
C SER A 31 -11.08 0.76 -22.26
N ASN A 32 -10.74 2.02 -22.59
CA ASN A 32 -11.65 2.93 -23.25
C ASN A 32 -11.08 3.39 -24.60
N PRO A 33 -11.63 2.85 -25.72
CA PRO A 33 -11.08 3.14 -27.05
C PRO A 33 -11.31 4.56 -27.56
N HIS A 34 -12.02 5.39 -26.78
CA HIS A 34 -12.43 6.72 -27.24
C HIS A 34 -11.66 7.86 -26.55
N ALA A 35 -11.00 7.53 -25.44
CA ALA A 35 -10.37 8.54 -24.60
C ALA A 35 -9.01 9.01 -25.14
N LYS A 36 -8.77 10.31 -25.01
CA LYS A 36 -7.53 10.94 -25.45
C LYS A 36 -6.96 11.82 -24.32
N PRO A 37 -5.62 12.01 -24.30
CA PRO A 37 -5.02 12.96 -23.32
C PRO A 37 -5.67 14.34 -23.40
N SER A 38 -6.06 14.75 -24.60
CA SER A 38 -6.77 16.01 -24.85
C SER A 38 -8.07 16.18 -24.04
N ASP A 39 -8.55 15.03 -23.46
CA ASP A 39 -9.79 15.03 -22.67
C ASP A 39 -9.60 15.70 -21.32
N PHE A 40 -8.35 15.86 -20.91
CA PHE A 40 -8.00 16.30 -19.56
C PHE A 40 -7.22 17.60 -19.53
N HIS A 41 -7.46 18.41 -18.48
CA HIS A 41 -6.58 19.50 -18.10
C HIS A 41 -5.66 18.99 -16.98
N PHE A 42 -4.40 18.71 -17.32
CA PHE A 42 -3.41 18.31 -16.32
C PHE A 42 -2.95 19.53 -15.52
N LEU A 43 -3.09 19.48 -14.19
CA LEU A 43 -2.84 20.65 -13.34
C LEU A 43 -1.49 20.66 -12.64
N LYS A 44 -1.17 19.57 -11.94
CA LYS A 44 0.10 19.46 -11.20
C LYS A 44 0.56 18.02 -11.09
N VAL A 45 1.84 17.82 -10.79
CA VAL A 45 2.38 16.49 -10.58
C VAL A 45 2.16 16.09 -9.13
N ILE A 46 1.34 15.05 -8.91
CA ILE A 46 1.08 14.53 -7.57
C ILE A 46 2.32 13.84 -7.02
N GLY A 47 2.90 12.94 -7.81
CA GLY A 47 4.08 12.19 -7.40
C GLY A 47 4.73 11.44 -8.54
N LYS A 48 5.98 11.03 -8.33
CA LYS A 48 6.73 10.23 -9.28
C LYS A 48 6.85 8.80 -8.80
N GLY A 49 6.53 7.86 -9.67
CA GLY A 49 6.59 6.44 -9.32
C GLY A 49 7.43 5.61 -10.26
N SER A 50 7.94 4.49 -9.72
CA SER A 50 8.79 3.56 -10.48
C SER A 50 8.17 3.12 -11.80
N PHE A 51 6.85 3.12 -11.86
CA PHE A 51 6.12 2.63 -13.02
C PHE A 51 5.31 3.72 -13.71
N GLY A 52 5.63 4.98 -13.42
CA GLY A 52 5.03 6.11 -14.11
C GLY A 52 4.57 7.25 -13.22
N LYS A 53 4.66 8.47 -13.73
CA LYS A 53 4.24 9.68 -13.03
C LYS A 53 2.74 9.73 -12.77
N VAL A 54 2.36 10.26 -11.61
CA VAL A 54 0.94 10.47 -11.27
C VAL A 54 0.63 11.96 -11.27
N LEU A 55 -0.35 12.36 -12.09
CA LEU A 55 -0.71 13.77 -12.24
C LEU A 55 -2.11 14.05 -11.71
N LEU A 56 -2.32 15.26 -11.20
CA LEU A 56 -3.67 15.73 -10.92
C LEU A 56 -4.25 16.31 -12.21
N ALA A 57 -5.38 15.74 -12.62
CA ALA A 57 -6.02 16.14 -13.87
C ALA A 57 -7.51 16.37 -13.69
N ARG A 58 -8.03 17.33 -14.45
CA ARG A 58 -9.46 17.62 -14.46
C ARG A 58 -10.02 17.16 -15.81
N HIS A 59 -11.14 16.45 -15.77
CA HIS A 59 -11.83 16.09 -17.01
C HIS A 59 -12.51 17.34 -17.56
N LYS A 60 -12.09 17.76 -18.75
CA LYS A 60 -12.59 18.97 -19.39
C LYS A 60 -14.10 19.03 -19.38
N ALA A 61 -14.73 17.97 -19.89
CA ALA A 61 -16.18 17.92 -20.03
C ALA A 61 -16.91 17.70 -18.71
N GLU A 62 -16.47 16.70 -17.93
CA GLU A 62 -17.18 16.26 -16.72
C GLU A 62 -17.03 17.21 -15.53
N GLU A 63 -15.95 17.99 -15.50
CA GLU A 63 -15.67 18.96 -14.43
C GLU A 63 -15.28 18.31 -13.10
N VAL A 64 -14.68 17.12 -13.18
CA VAL A 64 -14.24 16.41 -11.97
C VAL A 64 -12.75 16.09 -12.02
N PHE A 65 -12.14 15.98 -10.83
CA PHE A 65 -10.71 15.74 -10.72
C PHE A 65 -10.38 14.25 -10.60
N TYR A 66 -9.34 13.84 -11.32
CA TYR A 66 -8.79 12.49 -11.22
C TYR A 66 -7.29 12.53 -10.96
N ALA A 67 -6.77 11.42 -10.44
CA ALA A 67 -5.34 11.17 -10.49
C ALA A 67 -5.10 10.34 -11.75
N VAL A 68 -4.19 10.80 -12.60
CA VAL A 68 -3.87 10.03 -13.81
C VAL A 68 -2.43 9.53 -13.78
N LYS A 69 -2.26 8.22 -13.80
CA LYS A 69 -0.95 7.60 -13.93
C LYS A 69 -0.59 7.46 -15.41
N VAL A 70 0.60 7.91 -15.76
CA VAL A 70 1.07 7.91 -17.15
C VAL A 70 2.33 7.06 -17.28
N LEU A 71 2.26 6.05 -18.14
CA LEU A 71 3.38 5.12 -18.35
C LEU A 71 3.76 5.04 -19.83
N GLN A 72 5.06 5.10 -20.11
CA GLN A 72 5.57 5.00 -21.47
C GLN A 72 5.56 3.55 -21.96
N LYS A 73 5.14 3.34 -23.20
CA LYS A 73 5.05 2.00 -23.78
C LYS A 73 6.42 1.36 -24.00
N LYS A 74 7.42 2.19 -24.24
CA LYS A 74 8.82 1.77 -24.38
C LYS A 74 9.34 1.09 -23.10
N ALA A 75 8.68 1.35 -21.98
CA ALA A 75 9.07 0.80 -20.68
C ALA A 75 8.60 -0.65 -20.47
N ILE A 76 7.75 -1.15 -21.37
CA ILE A 76 7.22 -2.51 -21.26
C ILE A 76 8.09 -3.50 -22.04
N LEU A 77 8.54 -4.55 -21.35
CA LEU A 77 9.33 -5.61 -21.97
C LEU A 77 8.51 -6.87 -22.19
N VAL A 91 -1.69 -10.35 -19.89
CA VAL A 91 -2.41 -9.18 -19.40
C VAL A 91 -1.51 -8.29 -18.55
N LEU A 92 -1.38 -7.02 -18.96
CA LEU A 92 -0.56 -6.04 -18.26
C LEU A 92 -1.28 -5.43 -17.04
N LEU A 93 -2.60 -5.60 -17.01
CA LEU A 93 -3.41 -5.00 -15.94
C LEU A 93 -4.47 -5.98 -15.45
N LYS A 94 -4.53 -6.19 -14.14
CA LYS A 94 -5.60 -6.98 -13.53
C LYS A 94 -6.15 -6.20 -12.34
N ASN A 95 -7.06 -5.27 -12.62
CA ASN A 95 -7.63 -4.40 -11.59
C ASN A 95 -8.61 -5.12 -10.67
N VAL A 96 -8.53 -4.82 -9.37
CA VAL A 96 -9.39 -5.43 -8.36
C VAL A 96 -10.13 -4.34 -7.59
N LYS A 97 -11.45 -4.44 -7.53
CA LYS A 97 -12.27 -3.51 -6.75
C LYS A 97 -12.34 -3.94 -5.28
N HIS A 98 -12.08 -2.99 -4.38
CA HIS A 98 -12.21 -3.22 -2.93
C HIS A 98 -12.34 -1.85 -2.25
N PRO A 99 -13.11 -1.76 -1.15
CA PRO A 99 -13.25 -0.51 -0.39
C PRO A 99 -11.95 0.25 -0.09
N PHE A 100 -10.86 -0.48 0.16
CA PHE A 100 -9.58 0.18 0.51
C PHE A 100 -8.50 0.08 -0.57
N LEU A 101 -8.89 -0.26 -1.80
CA LEU A 101 -8.00 -0.16 -2.95
C LEU A 101 -8.47 0.95 -3.85
N VAL A 102 -7.54 1.79 -4.33
CA VAL A 102 -7.89 2.95 -5.14
C VAL A 102 -8.73 2.53 -6.35
N GLY A 103 -9.78 3.28 -6.65
CA GLY A 103 -10.65 2.97 -7.78
C GLY A 103 -10.03 3.33 -9.11
N LEU A 104 -10.11 2.40 -10.08
CA LEU A 104 -9.71 2.66 -11.46
C LEU A 104 -10.99 2.89 -12.25
N HIS A 105 -11.10 4.06 -12.88
CA HIS A 105 -12.30 4.43 -13.64
C HIS A 105 -12.24 3.92 -15.08
N PHE A 106 -11.12 4.16 -15.74
CA PHE A 106 -10.85 3.61 -17.08
C PHE A 106 -9.38 3.77 -17.43
N SER A 107 -8.97 3.13 -18.52
CA SER A 107 -7.61 3.21 -19.03
C SER A 107 -7.63 3.42 -20.54
N PHE A 108 -6.61 4.10 -21.04
CA PHE A 108 -6.49 4.32 -22.48
C PHE A 108 -5.02 4.43 -22.90
N GLN A 109 -4.78 4.43 -24.21
CA GLN A 109 -3.42 4.46 -24.72
C GLN A 109 -3.27 5.33 -25.97
N THR A 110 -2.11 5.97 -26.07
CA THR A 110 -1.70 6.67 -27.27
C THR A 110 -0.64 5.82 -27.96
N ALA A 111 -0.02 6.37 -29.00
CA ALA A 111 1.05 5.69 -29.73
C ALA A 111 2.26 5.41 -28.83
N ASP A 112 2.45 6.27 -27.83
CA ASP A 112 3.64 6.23 -26.99
C ASP A 112 3.37 5.95 -25.50
N LYS A 113 2.16 6.26 -25.04
CA LYS A 113 1.87 6.25 -23.61
C LYS A 113 0.59 5.49 -23.20
N LEU A 114 0.57 5.02 -21.96
CA LEU A 114 -0.62 4.42 -21.35
C LEU A 114 -1.11 5.34 -20.24
N TYR A 115 -2.43 5.49 -20.14
CA TYR A 115 -3.04 6.37 -19.14
C TYR A 115 -4.04 5.58 -18.30
N PHE A 116 -3.87 5.69 -16.98
CA PHE A 116 -4.77 5.04 -16.04
C PHE A 116 -5.44 6.11 -15.20
N VAL A 117 -6.77 6.19 -15.31
CA VAL A 117 -7.55 7.24 -14.68
C VAL A 117 -8.12 6.73 -13.37
N LEU A 118 -7.66 7.34 -12.28
CA LEU A 118 -7.88 6.84 -10.92
C LEU A 118 -8.62 7.86 -10.05
N ASP A 119 -9.24 7.39 -8.97
CA ASP A 119 -9.71 8.26 -7.90
C ASP A 119 -8.56 9.16 -7.44
N TYR A 120 -8.81 10.45 -7.31
CA TYR A 120 -7.84 11.33 -6.68
C TYR A 120 -8.04 11.26 -5.18
N ILE A 121 -7.05 10.70 -4.49
CA ILE A 121 -7.09 10.52 -3.04
C ILE A 121 -6.39 11.70 -2.38
N ASN A 122 -7.13 12.50 -1.62
CA ASN A 122 -6.65 13.81 -1.17
C ASN A 122 -6.60 14.03 0.35
N GLY A 123 -6.68 12.95 1.10
CA GLY A 123 -6.61 13.03 2.56
C GLY A 123 -5.18 12.99 3.08
N GLY A 124 -4.22 12.78 2.16
CA GLY A 124 -2.80 12.80 2.50
C GLY A 124 -2.24 11.42 2.80
N GLU A 125 -0.92 11.30 2.65
CA GLU A 125 -0.22 10.06 2.97
C GLU A 125 -0.39 9.73 4.45
N LEU A 126 -0.72 8.49 4.77
CA LEU A 126 -0.85 8.09 6.17
C LEU A 126 0.39 8.50 6.98
N PHE A 127 1.58 8.30 6.42
CA PHE A 127 2.82 8.61 7.15
C PHE A 127 3.16 10.10 7.20
N TYR A 128 2.46 10.90 6.39
CA TYR A 128 2.50 12.36 6.56
C TYR A 128 1.82 12.71 7.89
N HIS A 129 0.64 12.15 8.14
CA HIS A 129 -0.04 12.32 9.42
C HIS A 129 0.75 11.74 10.58
N LEU A 130 1.33 10.56 10.37
CA LEU A 130 2.15 9.94 11.41
C LEU A 130 3.30 10.86 11.82
N GLN A 131 4.03 11.36 10.82
CA GLN A 131 5.13 12.27 11.07
C GLN A 131 4.66 13.51 11.85
N ARG A 132 3.52 14.07 11.49
CA ARG A 132 2.95 15.25 12.15
C ARG A 132 2.53 15.00 13.60
N GLU A 133 2.19 13.74 13.90
CA GLU A 133 1.63 13.38 15.20
C GLU A 133 2.58 12.56 16.08
N ARG A 134 3.77 12.25 15.54
CA ARG A 134 4.83 11.44 16.18
C ARG A 134 4.52 9.93 16.16
N CYS A 135 3.39 9.54 16.74
CA CYS A 135 2.91 8.15 16.70
C CYS A 135 1.40 8.11 16.90
N PHE A 136 0.81 6.94 16.73
CA PHE A 136 -0.63 6.78 16.94
C PHE A 136 -0.92 5.98 18.21
N LEU A 137 -2.04 6.33 18.84
CA LEU A 137 -2.55 5.52 19.95
C LEU A 137 -3.04 4.21 19.37
N GLU A 138 -3.14 3.17 20.20
CA GLU A 138 -3.51 1.85 19.65
C GLU A 138 -4.87 1.74 18.94
N PRO A 139 -5.94 2.35 19.49
CA PRO A 139 -7.21 2.26 18.74
C PRO A 139 -7.10 2.85 17.32
N ARG A 140 -6.40 3.97 17.19
CA ARG A 140 -6.16 4.62 15.88
C ARG A 140 -5.35 3.71 14.95
N ALA A 141 -4.19 3.24 15.44
CA ALA A 141 -3.34 2.27 14.72
C ALA A 141 -4.10 0.99 14.34
N ARG A 142 -4.90 0.47 15.27
CA ARG A 142 -5.70 -0.74 15.03
C ARG A 142 -6.66 -0.56 13.85
N PHE A 143 -7.31 0.60 13.79
CA PHE A 143 -8.25 0.91 12.70
C PHE A 143 -7.55 0.83 11.34
N TYR A 144 -6.42 1.53 11.20
CA TYR A 144 -5.67 1.57 9.95
C TYR A 144 -5.11 0.21 9.61
N ALA A 145 -4.52 -0.45 10.59
CA ALA A 145 -3.99 -1.80 10.39
C ALA A 145 -5.11 -2.75 9.94
N ALA A 146 -6.29 -2.63 10.55
CA ALA A 146 -7.40 -3.49 10.15
C ALA A 146 -7.87 -3.25 8.72
N GLU A 147 -7.98 -1.98 8.32
CA GLU A 147 -8.40 -1.68 6.95
C GLU A 147 -7.42 -2.22 5.92
N ILE A 148 -6.13 -2.04 6.17
CA ILE A 148 -5.08 -2.60 5.29
C ILE A 148 -5.18 -4.13 5.29
N ALA A 149 -5.27 -4.72 6.47
CA ALA A 149 -5.36 -6.18 6.59
C ALA A 149 -6.53 -6.74 5.78
N SER A 150 -7.67 -6.06 5.80
CA SER A 150 -8.85 -6.54 5.08
C SER A 150 -8.60 -6.56 3.57
N ALA A 151 -7.93 -5.52 3.05
CA ALA A 151 -7.63 -5.46 1.62
C ALA A 151 -6.66 -6.56 1.24
N LEU A 152 -5.67 -6.80 2.10
CA LEU A 152 -4.69 -7.86 1.84
C LEU A 152 -5.32 -9.25 1.85
N GLY A 153 -6.16 -9.51 2.85
CA GLY A 153 -6.86 -10.80 2.94
C GLY A 153 -7.76 -11.07 1.76
N TYR A 154 -8.44 -10.02 1.30
CA TYR A 154 -9.29 -10.13 0.12
C TYR A 154 -8.49 -10.48 -1.15
N LEU A 155 -7.37 -9.79 -1.35
CA LEU A 155 -6.50 -10.05 -2.49
C LEU A 155 -5.99 -11.50 -2.47
N HIS A 156 -5.56 -11.98 -1.30
CA HIS A 156 -5.08 -13.35 -1.18
C HIS A 156 -6.16 -14.37 -1.54
N SER A 157 -7.41 -14.05 -1.23
CA SER A 157 -8.54 -14.93 -1.56
C SER A 157 -8.73 -15.06 -3.07
N LEU A 158 -8.23 -14.07 -3.81
CA LEU A 158 -8.27 -14.08 -5.26
C LEU A 158 -6.92 -14.49 -5.87
N ASN A 159 -6.04 -15.05 -5.02
CA ASN A 159 -4.71 -15.51 -5.41
C ASN A 159 -3.81 -14.36 -5.92
N ILE A 160 -3.94 -13.20 -5.28
CA ILE A 160 -3.13 -12.04 -5.61
C ILE A 160 -2.37 -11.63 -4.35
N VAL A 161 -1.07 -11.41 -4.50
CA VAL A 161 -0.21 -10.90 -3.42
C VAL A 161 0.09 -9.45 -3.71
N TYR A 162 0.01 -8.60 -2.68
CA TYR A 162 0.31 -7.18 -2.83
C TYR A 162 1.80 -6.95 -3.14
N ARG A 163 2.66 -7.65 -2.40
CA ARG A 163 4.11 -7.74 -2.69
C ARG A 163 4.96 -6.59 -2.16
N ASP A 164 4.56 -5.35 -2.46
CA ASP A 164 5.40 -4.22 -2.08
C ASP A 164 4.60 -3.05 -1.48
N LEU A 165 3.90 -3.35 -0.40
CA LEU A 165 3.29 -2.33 0.41
C LEU A 165 4.38 -1.47 1.07
N LYS A 166 4.46 -0.21 0.64
CA LYS A 166 5.38 0.78 1.25
C LYS A 166 4.56 1.94 1.83
N PRO A 167 5.17 2.74 2.74
CA PRO A 167 4.46 3.89 3.29
C PRO A 167 3.82 4.82 2.23
N GLU A 168 4.51 5.05 1.11
CA GLU A 168 4.03 5.97 0.06
C GLU A 168 2.77 5.46 -0.61
N ASN A 169 2.49 4.17 -0.44
CA ASN A 169 1.34 3.52 -1.07
C ASN A 169 0.10 3.53 -0.20
N ILE A 170 0.22 4.10 1.00
CA ILE A 170 -0.86 4.08 1.97
C ILE A 170 -1.37 5.50 2.21
N LEU A 171 -2.54 5.79 1.66
CA LEU A 171 -3.11 7.13 1.73
C LEU A 171 -4.35 7.10 2.57
N LEU A 172 -4.83 8.29 2.94
CA LEU A 172 -6.16 8.44 3.50
C LEU A 172 -7.00 9.19 2.48
N ASP A 173 -8.24 8.77 2.30
CA ASP A 173 -9.17 9.59 1.52
C ASP A 173 -9.70 10.74 2.38
N SER A 174 -10.56 11.58 1.82
CA SER A 174 -11.04 12.78 2.51
C SER A 174 -11.80 12.46 3.80
N GLN A 175 -12.32 11.24 3.91
CA GLN A 175 -13.08 10.80 5.08
C GLN A 175 -12.20 10.21 6.17
N GLY A 176 -10.98 9.81 5.81
CA GLY A 176 -10.04 9.24 6.77
C GLY A 176 -9.96 7.73 6.70
N HIS A 177 -10.48 7.15 5.61
CA HIS A 177 -10.34 5.72 5.39
C HIS A 177 -9.07 5.44 4.60
N ILE A 178 -8.52 4.26 4.78
CA ILE A 178 -7.32 3.82 4.07
C ILE A 178 -7.61 3.65 2.58
N VAL A 179 -6.68 4.11 1.75
CA VAL A 179 -6.67 3.79 0.32
C VAL A 179 -5.26 3.38 -0.07
N LEU A 180 -5.14 2.17 -0.63
CA LEU A 180 -3.86 1.68 -1.15
C LEU A 180 -3.78 2.01 -2.63
N THR A 181 -2.59 2.39 -3.09
CA THR A 181 -2.42 3.02 -4.42
C THR A 181 -2.24 2.05 -5.58
N ASP A 182 -1.94 0.78 -5.29
CA ASP A 182 -1.80 -0.20 -6.38
C ASP A 182 -3.18 -0.53 -6.95
N PHE A 183 -3.26 -0.55 -8.28
CA PHE A 183 -4.53 -0.82 -8.96
C PHE A 183 -4.41 -1.97 -9.97
N GLY A 184 -3.40 -2.81 -9.80
CA GLY A 184 -3.30 -4.06 -10.56
C GLY A 184 -2.34 -4.11 -11.74
N LEU A 185 -1.54 -3.06 -11.92
CA LEU A 185 -0.48 -3.06 -12.95
C LEU A 185 0.45 -4.25 -12.77
N CYS A 186 0.71 -5.00 -13.84
CA CYS A 186 1.60 -6.15 -13.78
C CYS A 186 3.04 -5.67 -13.86
N LYS A 187 3.61 -5.40 -12.69
CA LYS A 187 4.94 -4.81 -12.56
C LYS A 187 6.07 -5.69 -13.10
N GLU A 188 5.90 -7.00 -12.99
CA GLU A 188 6.92 -7.95 -13.43
C GLU A 188 7.06 -8.04 -14.95
N ASN A 189 6.49 -7.06 -15.65
CA ASN A 189 6.61 -6.93 -17.10
C ASN A 189 7.02 -5.52 -17.53
N ILE A 190 7.35 -4.67 -16.55
CA ILE A 190 7.73 -3.27 -16.80
C ILE A 190 9.12 -2.98 -16.21
N GLU A 191 9.97 -2.37 -17.02
CA GLU A 191 11.35 -2.04 -16.62
C GLU A 191 11.41 -0.76 -15.80
N HIS A 192 12.30 -0.76 -14.81
CA HIS A 192 12.52 0.37 -13.91
C HIS A 192 13.85 0.20 -13.17
N ASN A 193 14.41 1.32 -12.69
CA ASN A 193 15.62 1.26 -11.89
C ASN A 193 15.31 1.02 -10.41
N SER A 194 15.59 -0.19 -9.94
CA SER A 194 15.42 -0.52 -8.52
C SER A 194 16.74 -0.40 -7.77
N THR A 195 17.42 0.73 -8.01
CA THR A 195 18.69 1.02 -7.34
C THR A 195 18.42 1.43 -5.89
N THR A 196 19.30 0.99 -5.00
CA THR A 196 19.19 1.30 -3.58
C THR A 196 20.32 2.25 -3.21
N SER A 197 20.06 3.22 -2.34
CA SER A 197 21.10 4.17 -1.95
C SER A 197 21.78 3.72 -0.67
N THR A 198 23.08 4.02 -0.54
CA THR A 198 23.88 3.56 0.58
C THR A 198 23.39 4.09 1.92
N PHE A 199 23.03 5.38 1.98
CA PHE A 199 22.41 5.99 3.14
C PHE A 199 21.02 6.47 2.74
N CYS A 200 20.10 6.49 3.69
CA CYS A 200 18.81 7.14 3.49
C CYS A 200 18.04 6.66 2.27
N GLY A 201 17.90 5.33 2.17
CA GLY A 201 17.17 4.71 1.05
C GLY A 201 15.67 4.98 1.14
N THR A 202 14.99 4.99 -0.01
CA THR A 202 13.56 5.19 0.01
C THR A 202 12.92 4.20 0.98
N PRO A 203 12.07 4.69 1.90
CA PRO A 203 11.37 3.82 2.84
C PRO A 203 10.62 2.70 2.15
N GLU A 204 10.82 1.49 2.67
CA GLU A 204 10.12 0.31 2.21
C GLU A 204 10.38 -0.78 3.25
N TYR A 205 9.56 -1.81 3.27
CA TYR A 205 9.69 -2.85 4.26
C TYR A 205 10.05 -4.14 3.56
N LEU A 206 11.33 -4.51 3.57
CA LEU A 206 11.77 -5.71 2.87
C LEU A 206 11.79 -6.87 3.84
N ALA A 207 10.97 -7.89 3.56
CA ALA A 207 10.93 -9.08 4.39
C ALA A 207 12.23 -9.87 4.18
N PRO A 208 12.64 -10.66 5.19
CA PRO A 208 13.83 -11.52 5.02
C PRO A 208 13.81 -12.32 3.72
N GLU A 209 12.65 -12.88 3.36
CA GLU A 209 12.54 -13.70 2.13
C GLU A 209 12.70 -12.90 0.84
N VAL A 210 12.36 -11.61 0.88
CA VAL A 210 12.49 -10.72 -0.28
C VAL A 210 13.97 -10.41 -0.49
N LEU A 211 14.68 -10.13 0.60
CA LEU A 211 16.13 -9.97 0.54
C LEU A 211 16.80 -11.23 -0.01
N HIS A 212 16.24 -12.40 0.30
CA HIS A 212 16.74 -13.67 -0.23
C HIS A 212 16.29 -13.91 -1.69
N LYS A 213 15.53 -12.97 -2.23
CA LYS A 213 14.96 -13.06 -3.59
C LYS A 213 14.21 -14.37 -3.83
N GLN A 214 13.43 -14.79 -2.83
CA GLN A 214 12.59 -15.97 -2.95
C GLN A 214 11.25 -15.56 -3.58
N PRO A 215 10.53 -16.49 -4.23
CA PRO A 215 9.24 -16.13 -4.84
C PRO A 215 8.27 -15.48 -3.87
N TYR A 216 7.65 -14.36 -4.30
CA TYR A 216 6.67 -13.67 -3.47
C TYR A 216 5.50 -14.60 -3.18
N ASP A 217 5.25 -14.83 -1.90
CA ASP A 217 4.00 -15.46 -1.52
C ASP A 217 3.25 -14.55 -0.58
N ARG A 218 2.02 -14.93 -0.26
CA ARG A 218 1.13 -14.09 0.52
C ARG A 218 1.69 -13.62 1.88
N THR A 219 2.60 -14.39 2.47
CA THR A 219 3.12 -14.05 3.81
C THR A 219 4.06 -12.83 3.83
N VAL A 220 4.57 -12.42 2.67
CA VAL A 220 5.30 -11.14 2.56
C VAL A 220 4.37 -9.97 2.94
N ASP A 221 3.10 -10.07 2.57
CA ASP A 221 2.12 -9.03 2.88
C ASP A 221 1.94 -8.91 4.39
N TRP A 222 2.00 -10.03 5.10
CA TRP A 222 1.82 -10.01 6.56
C TRP A 222 3.03 -9.43 7.29
N TRP A 223 4.23 -9.66 6.76
CA TRP A 223 5.40 -8.95 7.29
C TRP A 223 5.24 -7.45 7.13
N CYS A 224 4.83 -7.03 5.93
CA CYS A 224 4.64 -5.61 5.64
C CYS A 224 3.59 -4.97 6.55
N LEU A 225 2.49 -5.67 6.80
CA LEU A 225 1.49 -5.22 7.78
C LEU A 225 2.10 -5.00 9.16
N GLY A 226 2.90 -5.98 9.60
CA GLY A 226 3.60 -5.87 10.88
C GLY A 226 4.51 -4.66 10.93
N ALA A 227 5.24 -4.41 9.85
CA ALA A 227 6.16 -3.29 9.82
C ALA A 227 5.41 -1.97 9.88
N VAL A 228 4.30 -1.87 9.14
CA VAL A 228 3.46 -0.67 9.16
C VAL A 228 2.94 -0.42 10.58
N LEU A 229 2.43 -1.46 11.23
CA LEU A 229 1.92 -1.30 12.60
C LEU A 229 3.04 -0.87 13.56
N TYR A 230 4.20 -1.50 13.46
CA TYR A 230 5.36 -1.15 14.29
C TYR A 230 5.64 0.34 14.14
N GLU A 231 5.70 0.83 12.91
CA GLU A 231 6.03 2.23 12.67
C GLU A 231 4.96 3.20 13.19
N MET A 232 3.68 2.81 13.06
CA MET A 232 2.59 3.62 13.62
C MET A 232 2.71 3.77 15.14
N LEU A 233 3.17 2.71 15.80
CA LEU A 233 3.31 2.74 17.28
C LEU A 233 4.60 3.37 17.75
N TYR A 234 5.70 3.04 17.07
CA TYR A 234 7.04 3.42 17.53
C TYR A 234 7.69 4.60 16.81
N GLY A 235 7.14 5.01 15.67
CA GLY A 235 7.61 6.22 14.98
C GLY A 235 8.71 6.03 13.96
N LEU A 236 9.23 4.81 13.86
CA LEU A 236 10.23 4.46 12.85
C LEU A 236 9.98 3.03 12.41
N PRO A 237 10.48 2.65 11.22
CA PRO A 237 10.34 1.28 10.77
C PRO A 237 11.15 0.34 11.64
N PRO A 238 10.75 -0.94 11.68
CA PRO A 238 11.53 -1.89 12.44
C PRO A 238 12.90 -2.06 11.77
N PHE A 239 13.94 -2.25 12.58
CA PHE A 239 15.30 -2.55 12.09
C PHE A 239 15.99 -1.36 11.43
N TYR A 240 15.41 -0.17 11.58
CA TYR A 240 15.87 1.03 10.88
C TYR A 240 17.36 1.36 11.09
N SER A 241 18.01 1.80 10.01
CA SER A 241 19.31 2.48 10.10
C SER A 241 19.43 3.49 8.97
N ARG A 242 20.11 4.59 9.26
CA ARG A 242 20.59 5.56 8.26
C ARG A 242 21.38 4.85 7.15
N ASN A 243 22.07 3.79 7.53
CA ASN A 243 22.90 3.01 6.62
C ASN A 243 22.05 1.82 6.13
N THR A 244 21.76 1.81 4.84
CA THR A 244 20.84 0.81 4.27
C THR A 244 21.38 -0.63 4.43
N ALA A 245 22.67 -0.83 4.18
CA ALA A 245 23.29 -2.14 4.36
C ALA A 245 23.13 -2.62 5.80
N GLU A 246 23.30 -1.71 6.77
CA GLU A 246 23.07 -2.04 8.19
C GLU A 246 21.63 -2.43 8.42
N MET A 247 20.71 -1.69 7.80
CA MET A 247 19.30 -2.01 7.97
C MET A 247 18.96 -3.42 7.45
N TYR A 248 19.50 -3.79 6.29
CA TYR A 248 19.29 -5.13 5.74
C TYR A 248 19.88 -6.18 6.69
N ASP A 249 21.09 -5.91 7.17
CA ASP A 249 21.77 -6.77 8.15
C ASP A 249 20.86 -6.97 9.38
N ASN A 250 20.24 -5.88 9.85
CA ASN A 250 19.32 -5.91 11.01
C ASN A 250 18.07 -6.75 10.73
N ILE A 251 17.44 -6.52 9.58
CA ILE A 251 16.23 -7.27 9.22
C ILE A 251 16.53 -8.76 9.26
N LEU A 252 17.67 -9.16 8.70
CA LEU A 252 18.04 -10.57 8.63
C LEU A 252 18.51 -11.15 9.94
N ASN A 253 19.29 -10.38 10.71
CA ASN A 253 20.09 -10.96 11.79
C ASN A 253 19.86 -10.47 13.21
N LYS A 254 19.12 -9.37 13.34
CA LYS A 254 18.89 -8.76 14.65
C LYS A 254 17.53 -9.17 15.22
N PRO A 255 17.51 -9.75 16.44
CA PRO A 255 16.24 -10.08 17.06
C PRO A 255 15.33 -8.87 17.22
N LEU A 256 14.04 -9.11 17.03
CA LEU A 256 13.05 -8.07 17.22
C LEU A 256 13.08 -7.60 18.68
N GLN A 257 13.23 -6.31 18.87
CA GLN A 257 13.12 -5.71 20.20
C GLN A 257 11.92 -4.77 20.18
N LEU A 258 10.98 -5.02 21.07
CA LEU A 258 9.80 -4.20 21.13
C LEU A 258 9.89 -3.41 22.41
N LYS A 259 10.08 -2.09 22.27
CA LYS A 259 10.11 -1.19 23.42
C LYS A 259 8.79 -1.18 24.22
N PRO A 260 8.83 -0.68 25.46
CA PRO A 260 7.59 -0.62 26.24
C PRO A 260 6.58 0.38 25.67
N ASN A 261 5.49 0.58 26.41
CA ASN A 261 4.40 1.51 26.06
C ASN A 261 3.45 1.02 24.96
N ILE A 262 3.45 -0.29 24.71
CA ILE A 262 2.37 -0.91 23.91
C ILE A 262 1.75 -2.05 24.71
N THR A 263 0.49 -2.40 24.37
CA THR A 263 -0.20 -3.46 25.12
C THR A 263 0.41 -4.84 24.83
N ASN A 264 0.12 -5.79 25.73
CA ASN A 264 0.47 -7.20 25.51
C ASN A 264 -0.03 -7.72 24.17
N SER A 265 -1.28 -7.40 23.80
CA SER A 265 -1.84 -7.90 22.55
C SER A 265 -1.10 -7.35 21.34
N ALA A 266 -0.72 -6.07 21.38
CA ALA A 266 0.05 -5.46 20.29
C ALA A 266 1.42 -6.12 20.18
N ARG A 267 2.09 -6.31 21.33
CA ARG A 267 3.37 -7.00 21.35
C ARG A 267 3.26 -8.38 20.71
N HIS A 268 2.25 -9.15 21.09
CA HIS A 268 2.08 -10.52 20.57
C HIS A 268 1.82 -10.50 19.07
N LEU A 269 0.99 -9.57 18.63
CA LEU A 269 0.73 -9.41 17.19
C LEU A 269 2.01 -9.09 16.40
N LEU A 270 2.78 -8.11 16.85
CA LEU A 270 4.02 -7.72 16.17
C LEU A 270 5.04 -8.85 16.18
N GLU A 271 5.15 -9.56 17.30
CA GLU A 271 6.00 -10.76 17.38
C GLU A 271 5.62 -11.80 16.32
N GLY A 272 4.32 -11.93 16.07
CA GLY A 272 3.83 -12.90 15.10
C GLY A 272 4.04 -12.46 13.66
N LEU A 273 3.75 -11.19 13.37
CA LEU A 273 3.86 -10.67 12.01
C LEU A 273 5.33 -10.45 11.59
N LEU A 274 6.20 -10.15 12.55
CA LEU A 274 7.61 -9.89 12.25
C LEU A 274 8.52 -11.09 12.52
N GLN A 275 7.94 -12.29 12.49
CA GLN A 275 8.71 -13.52 12.47
C GLN A 275 9.53 -13.53 11.20
N LYS A 276 10.83 -13.78 11.32
CA LYS A 276 11.70 -13.77 10.15
C LYS A 276 11.49 -14.96 9.22
N ASP A 277 11.20 -16.12 9.81
CA ASP A 277 10.91 -17.34 9.04
C ASP A 277 9.44 -17.29 8.64
N ARG A 278 9.19 -17.08 7.35
CA ARG A 278 7.83 -16.98 6.83
C ARG A 278 6.91 -18.18 7.14
N THR A 279 7.51 -19.35 7.36
CA THR A 279 6.74 -20.55 7.71
C THR A 279 6.21 -20.53 9.14
N LYS A 280 6.76 -19.63 9.95
CA LYS A 280 6.37 -19.49 11.35
C LYS A 280 5.62 -18.18 11.57
N ARG A 281 5.47 -17.39 10.51
CA ARG A 281 4.86 -16.08 10.61
C ARG A 281 3.33 -16.18 10.75
N LEU A 282 2.75 -15.30 11.55
CA LEU A 282 1.31 -15.23 11.68
C LEU A 282 0.71 -15.03 10.30
N GLY A 283 -0.24 -15.89 9.93
CA GLY A 283 -0.83 -15.90 8.58
C GLY A 283 -0.33 -17.02 7.70
N ALA A 284 0.72 -17.71 8.12
CA ALA A 284 1.31 -18.80 7.31
C ALA A 284 0.37 -19.98 7.10
N LYS A 285 -0.45 -20.30 8.10
CA LYS A 285 -1.33 -21.48 7.99
C LYS A 285 -2.71 -21.16 7.40
N ASP A 286 -3.38 -20.16 7.96
CA ASP A 286 -4.75 -19.84 7.56
C ASP A 286 -4.90 -18.39 7.10
N ASP A 287 -3.79 -17.77 6.68
CA ASP A 287 -3.79 -16.44 6.08
C ASP A 287 -4.54 -15.40 6.93
N PHE A 288 -5.45 -14.67 6.30
CA PHE A 288 -6.11 -13.54 6.92
C PHE A 288 -6.91 -13.93 8.17
N MET A 289 -7.43 -15.16 8.17
CA MET A 289 -8.16 -15.65 9.34
C MET A 289 -7.35 -15.59 10.64
N GLU A 290 -6.04 -15.77 10.53
CA GLU A 290 -5.16 -15.69 11.70
C GLU A 290 -5.02 -14.27 12.21
N ILE A 291 -5.07 -13.31 11.29
CA ILE A 291 -4.93 -11.90 11.65
C ILE A 291 -6.27 -11.40 12.16
N LYS A 292 -7.33 -11.73 11.43
CA LYS A 292 -8.71 -11.36 11.75
C LYS A 292 -9.07 -11.79 13.17
N SER A 293 -8.64 -12.98 13.55
CA SER A 293 -8.97 -13.56 14.86
C SER A 293 -8.00 -13.23 15.98
N HIS A 294 -6.89 -12.54 15.65
CA HIS A 294 -5.92 -12.15 16.66
C HIS A 294 -6.52 -11.20 17.71
N VAL A 295 -6.16 -11.39 18.98
CA VAL A 295 -6.72 -10.59 20.07
C VAL A 295 -6.49 -9.08 19.92
N PHE A 296 -5.40 -8.67 19.27
CA PHE A 296 -5.22 -7.25 18.97
C PHE A 296 -6.43 -6.66 18.22
N PHE A 297 -7.06 -7.47 17.38
CA PHE A 297 -8.20 -7.03 16.55
C PHE A 297 -9.59 -7.47 17.05
N SER A 298 -9.68 -7.94 18.30
CA SER A 298 -10.99 -8.41 18.81
C SER A 298 -12.11 -7.39 18.68
N LEU A 299 -11.76 -6.12 18.87
CA LEU A 299 -12.77 -5.06 18.86
C LEU A 299 -13.22 -4.61 17.46
N ILE A 300 -12.57 -5.13 16.43
CA ILE A 300 -12.96 -4.81 15.05
C ILE A 300 -14.11 -5.69 14.61
N ASN A 301 -15.21 -5.05 14.21
CA ASN A 301 -16.26 -5.72 13.47
C ASN A 301 -15.88 -5.64 11.99
N TRP A 302 -15.36 -6.74 11.46
CA TRP A 302 -14.79 -6.75 10.12
C TRP A 302 -15.85 -6.45 9.07
N ASP A 303 -17.09 -6.83 9.35
CA ASP A 303 -18.18 -6.57 8.43
C ASP A 303 -18.45 -5.06 8.38
N ASP A 304 -18.56 -4.45 9.57
CA ASP A 304 -18.76 -3.01 9.71
C ASP A 304 -17.60 -2.22 9.15
N LEU A 305 -16.39 -2.74 9.33
CA LEU A 305 -15.18 -2.11 8.82
C LEU A 305 -15.17 -2.04 7.31
N ILE A 306 -15.39 -3.19 6.67
CA ILE A 306 -15.29 -3.28 5.20
C ILE A 306 -16.44 -2.54 4.53
N ASN A 307 -17.58 -2.45 5.21
CA ASN A 307 -18.73 -1.66 4.72
C ASN A 307 -18.68 -0.20 5.14
N LYS A 308 -17.52 0.23 5.64
CA LYS A 308 -17.26 1.62 6.03
C LYS A 308 -18.35 2.21 6.96
N LYS A 309 -18.78 1.41 7.92
CA LYS A 309 -19.74 1.85 8.93
C LYS A 309 -19.02 2.37 10.18
N ILE A 310 -17.77 1.97 10.36
CA ILE A 310 -16.94 2.53 11.43
C ILE A 310 -16.47 3.92 10.98
N THR A 311 -17.00 4.96 11.63
CA THR A 311 -16.55 6.34 11.39
C THR A 311 -15.07 6.42 11.79
N PRO A 312 -14.21 6.87 10.85
CA PRO A 312 -12.76 6.88 11.09
C PRO A 312 -12.34 7.67 12.34
N PRO A 313 -11.21 7.30 12.96
CA PRO A 313 -10.71 7.95 14.18
C PRO A 313 -10.33 9.40 13.92
N PHE A 314 -9.85 9.67 12.72
CA PHE A 314 -9.30 10.96 12.35
C PHE A 314 -9.95 11.40 11.04
N ASN A 315 -10.44 12.64 11.01
CA ASN A 315 -11.01 13.22 9.81
C ASN A 315 -10.06 14.28 9.23
N PRO A 316 -9.42 13.97 8.08
CA PRO A 316 -8.56 14.96 7.43
C PRO A 316 -9.37 16.21 7.08
N ASN A 317 -8.74 17.38 7.18
CA ASN A 317 -9.46 18.64 6.96
C ASN A 317 -9.59 18.99 5.47
N VAL A 318 -10.13 18.05 4.70
CA VAL A 318 -10.36 18.22 3.26
C VAL A 318 -11.74 17.67 2.85
N SER A 319 -12.20 18.05 1.66
CA SER A 319 -13.43 17.48 1.10
C SER A 319 -13.55 17.76 -0.41
N GLY A 320 -13.09 16.80 -1.21
CA GLY A 320 -13.14 16.92 -2.67
C GLY A 320 -12.48 15.76 -3.38
#